data_3N6X
#
_entry.id   3N6X
#
_cell.length_a   97.344
_cell.length_b   97.344
_cell.length_c   155.487
_cell.angle_alpha   90.000
_cell.angle_beta   90.000
_cell.angle_gamma   90.000
#
_symmetry.space_group_name_H-M   'P 41 21 2'
#
loop_
_entity.id
_entity.type
_entity.pdbx_description
1 polymer 'Putative glutathionylspermidine synthase'
2 non-polymer 'SULFATE ION'
3 non-polymer 'CHLORIDE ION'
4 non-polymer GLYCEROL
5 water water
#
_entity_poly.entity_id   1
_entity_poly.type   'polypeptide(L)'
_entity_poly.pdbx_seq_one_letter_code
;G(MSE)DTAKTKPFDE(MSE)FLQDEVIRPIYAEYAAWLQDVPHQQLESKRQEAELLFRRVGITFNVYGEDAGAERLIPF
DVVPRILSASEWARLSDGAIQRVKALN(MSE)FLHDVYHDQEIIKAGIVPSSILANAQYRPE(MSE)FGVDVPGGVYAHI
AGVDLVRTGENDFYVLEDNLRTPSGVSY(MSE)LENRK(MSE)(MSE)(MSE)RLFPELFRRYPVAPVEHYPQVLLNNLR
AVAQAGVHEPTVVLLTPGAYNSAYFEHAFIAQQ(MSE)GIELVEGQDLFVRNNAVY(MSE)RTTEGPKRVDVIYRRIDDD
FIDPLSFRPDS(MSE)LGVPGLLSVYRNGGVTLANAVGTGVADDKDTYIYVPE(MSE)IRFYLGEEPILSNVPTYQLSKA
DDLKYVLDNLAELVVKEVQGSGGYG(MSE)LVGPAASKQELEDFRQRILANPANYIAQPTLALSTCPTLVETGIAPRHVD
LRPFVLSGKTVSLVPGALCRVALREGSLVVNSSQGGGTKDTWILKD
;
_entity_poly.pdbx_strand_id   A
#
loop_
_chem_comp.id
_chem_comp.type
_chem_comp.name
_chem_comp.formula
CL non-polymer 'CHLORIDE ION' 'Cl -1'
GOL non-polymer GLYCEROL 'C3 H8 O3'
SO4 non-polymer 'SULFATE ION' 'O4 S -2'
#
# COMPACT_ATOMS: atom_id res chain seq x y z
N THR A 7 23.54 -16.53 -13.64
CA THR A 7 22.89 -15.34 -13.09
C THR A 7 21.39 -15.58 -12.87
N LYS A 8 20.98 -15.75 -11.60
CA LYS A 8 19.58 -15.99 -11.22
C LYS A 8 19.10 -14.90 -10.25
N PRO A 9 17.76 -14.61 -10.15
CA PRO A 9 17.31 -13.58 -9.20
C PRO A 9 17.57 -13.96 -7.74
N PHE A 10 17.97 -12.95 -6.90
CA PHE A 10 18.26 -13.12 -5.47
C PHE A 10 17.12 -13.85 -4.75
N ASP A 11 17.45 -14.94 -4.03
CA ASP A 11 16.44 -15.69 -3.26
C ASP A 11 16.54 -15.35 -1.78
N GLU A 12 15.37 -15.21 -1.12
CA GLU A 12 15.30 -14.87 0.31
C GLU A 12 15.91 -15.99 1.20
N MSE A 13 15.76 -17.26 0.78
CA MSE A 13 16.23 -18.42 1.56
C MSE A 13 17.59 -18.98 1.08
O MSE A 13 18.48 -19.17 1.90
CB MSE A 13 15.16 -19.53 1.59
CG MSE A 13 15.50 -20.71 2.52
SE MSE A 13 14.26 -22.23 2.35
CE MSE A 13 12.70 -21.53 3.16
N PHE A 14 17.71 -19.29 -0.23
CA PHE A 14 18.92 -19.93 -0.79
C PHE A 14 19.96 -18.96 -1.35
N LEU A 15 21.20 -19.04 -0.81
CA LEU A 15 22.34 -18.18 -1.19
C LEU A 15 22.91 -18.49 -2.60
N GLN A 16 24.19 -18.05 -2.86
CA GLN A 16 24.92 -18.21 -4.14
C GLN A 16 24.86 -19.64 -4.68
N ASP A 17 25.03 -20.64 -3.79
CA ASP A 17 24.94 -22.05 -4.16
C ASP A 17 23.55 -22.56 -3.73
N GLU A 18 23.48 -23.72 -3.06
CA GLU A 18 22.22 -24.23 -2.52
C GLU A 18 22.18 -23.98 -1.00
N VAL A 19 23.19 -23.23 -0.49
CA VAL A 19 23.34 -22.83 0.93
C VAL A 19 22.10 -22.02 1.37
N ILE A 20 21.60 -22.28 2.59
CA ILE A 20 20.45 -21.56 3.13
C ILE A 20 20.97 -20.30 3.84
N ARG A 21 20.29 -19.14 3.62
CA ARG A 21 20.63 -17.88 4.29
C ARG A 21 20.38 -18.05 5.80
N PRO A 22 21.32 -17.61 6.67
CA PRO A 22 21.16 -17.82 8.13
C PRO A 22 19.75 -17.63 8.68
N ILE A 23 19.02 -16.59 8.19
CA ILE A 23 17.67 -16.25 8.65
C ILE A 23 16.65 -17.37 8.45
N TYR A 24 16.81 -18.19 7.40
CA TYR A 24 15.89 -19.27 7.08
C TYR A 24 16.34 -20.67 7.59
N ALA A 25 17.51 -20.75 8.27
CA ALA A 25 18.07 -22.03 8.77
C ALA A 25 17.08 -22.74 9.70
N GLU A 26 16.54 -22.01 10.71
CA GLU A 26 15.58 -22.54 11.67
C GLU A 26 14.28 -23.01 10.97
N TYR A 27 13.86 -22.33 9.90
CA TYR A 27 12.66 -22.73 9.16
C TYR A 27 12.93 -24.03 8.40
N ALA A 28 14.13 -24.17 7.82
CA ALA A 28 14.55 -25.37 7.08
C ALA A 28 14.59 -26.59 8.03
N ALA A 29 15.10 -26.38 9.27
CA ALA A 29 15.15 -27.40 10.32
C ALA A 29 13.74 -27.88 10.66
N TRP A 30 12.83 -26.93 11.03
CA TRP A 30 11.43 -27.23 11.32
C TRP A 30 10.78 -27.99 10.15
N LEU A 31 11.07 -27.57 8.91
CA LEU A 31 10.50 -28.16 7.69
C LEU A 31 10.92 -29.64 7.53
N GLN A 32 12.17 -29.99 7.93
CA GLN A 32 12.65 -31.37 7.88
C GLN A 32 11.95 -32.26 8.91
N ASP A 33 11.69 -31.72 10.12
CA ASP A 33 11.03 -32.45 11.20
C ASP A 33 9.52 -32.68 10.93
N VAL A 34 8.92 -31.94 9.94
CA VAL A 34 7.49 -32.05 9.60
C VAL A 34 7.10 -33.50 9.28
N PRO A 35 6.19 -34.11 10.09
CA PRO A 35 5.82 -35.52 9.86
C PRO A 35 5.26 -35.81 8.46
N HIS A 36 5.76 -36.89 7.82
CA HIS A 36 5.36 -37.36 6.49
C HIS A 36 5.60 -36.30 5.38
N GLN A 37 5.07 -36.55 4.17
CA GLN A 37 5.27 -35.67 3.02
C GLN A 37 4.32 -34.43 3.05
N GLN A 38 3.87 -34.02 4.26
CA GLN A 38 2.91 -32.93 4.48
C GLN A 38 3.20 -31.59 3.77
N LEU A 39 4.48 -31.15 3.73
CA LEU A 39 4.83 -29.89 3.06
C LEU A 39 5.99 -30.06 2.06
N GLU A 40 5.82 -30.97 1.10
CA GLU A 40 6.84 -31.24 0.08
C GLU A 40 6.54 -30.54 -1.24
N SER A 41 5.25 -30.24 -1.51
CA SER A 41 4.83 -29.56 -2.74
C SER A 41 3.50 -28.78 -2.52
N LYS A 42 3.00 -28.10 -3.57
CA LYS A 42 1.73 -27.33 -3.55
C LYS A 42 0.52 -28.26 -3.23
N ARG A 43 0.50 -29.49 -3.80
CA ARG A 43 -0.60 -30.46 -3.61
C ARG A 43 -0.73 -30.90 -2.14
N GLN A 44 0.41 -31.21 -1.49
CA GLN A 44 0.44 -31.63 -0.08
C GLN A 44 0.13 -30.44 0.85
N GLU A 45 0.53 -29.21 0.44
CA GLU A 45 0.22 -27.98 1.17
C GLU A 45 -1.30 -27.71 1.11
N ALA A 46 -1.92 -27.92 -0.08
CA ALA A 46 -3.37 -27.75 -0.28
C ALA A 46 -4.16 -28.79 0.52
N GLU A 47 -3.60 -30.00 0.67
CA GLU A 47 -4.20 -31.08 1.46
C GLU A 47 -4.14 -30.73 2.95
N LEU A 48 -2.96 -30.22 3.42
CA LEU A 48 -2.75 -29.78 4.82
C LEU A 48 -3.74 -28.66 5.17
N LEU A 49 -3.85 -27.63 4.29
CA LEU A 49 -4.74 -26.49 4.52
C LEU A 49 -6.21 -26.88 4.55
N PHE A 50 -6.61 -27.89 3.77
CA PHE A 50 -7.99 -28.36 3.79
C PHE A 50 -8.28 -29.21 5.04
N ARG A 51 -7.42 -30.21 5.34
CA ARG A 51 -7.58 -31.11 6.50
C ARG A 51 -7.65 -30.32 7.82
N ARG A 52 -6.79 -29.31 7.99
CA ARG A 52 -6.73 -28.51 9.20
C ARG A 52 -7.75 -27.37 9.24
N VAL A 53 -7.73 -26.49 8.21
CA VAL A 53 -8.60 -25.30 8.20
C VAL A 53 -9.73 -25.26 7.13
N GLY A 54 -9.91 -26.36 6.40
CA GLY A 54 -10.98 -26.51 5.42
C GLY A 54 -10.95 -25.55 4.24
N ILE A 55 -9.74 -25.23 3.75
CA ILE A 55 -9.55 -24.31 2.62
C ILE A 55 -9.51 -25.07 1.27
N THR A 56 -10.14 -24.49 0.23
CA THR A 56 -10.11 -25.01 -1.14
C THR A 56 -9.83 -23.83 -2.11
N PHE A 57 -8.66 -23.86 -2.80
CA PHE A 57 -8.28 -22.79 -3.73
C PHE A 57 -8.48 -23.23 -5.19
N LEU A 69 -11.48 -16.48 -3.17
CA LEU A 69 -10.48 -16.29 -2.12
C LEU A 69 -9.05 -16.37 -2.67
N ILE A 70 -8.20 -15.35 -2.35
CA ILE A 70 -6.79 -15.27 -2.77
C ILE A 70 -5.96 -16.42 -2.18
N PRO A 71 -5.16 -17.16 -3.00
CA PRO A 71 -4.35 -18.25 -2.45
C PRO A 71 -3.34 -17.80 -1.39
N PHE A 72 -3.07 -18.65 -0.41
CA PHE A 72 -2.12 -18.38 0.65
C PHE A 72 -1.00 -19.40 0.65
N ASP A 73 0.26 -18.93 0.75
CA ASP A 73 1.44 -19.78 0.84
C ASP A 73 1.94 -19.76 2.28
N VAL A 74 2.28 -20.96 2.82
CA VAL A 74 2.68 -21.11 4.23
C VAL A 74 4.16 -20.83 4.51
N VAL A 75 4.95 -20.51 3.47
CA VAL A 75 6.36 -20.17 3.69
C VAL A 75 6.44 -18.66 3.95
N PRO A 76 6.78 -18.23 5.19
CA PRO A 76 6.78 -16.79 5.47
C PRO A 76 7.92 -16.05 4.77
N ARG A 77 7.72 -14.75 4.58
CA ARG A 77 8.74 -13.86 4.08
C ARG A 77 9.42 -13.30 5.33
N ILE A 78 10.62 -13.81 5.66
CA ILE A 78 11.31 -13.41 6.91
C ILE A 78 12.30 -12.29 6.67
N LEU A 79 12.23 -11.23 7.50
CA LEU A 79 13.16 -10.09 7.44
C LEU A 79 13.82 -9.93 8.79
N SER A 80 15.13 -9.67 8.80
CA SER A 80 15.86 -9.49 10.06
C SER A 80 15.56 -8.15 10.69
N ALA A 81 15.87 -8.01 11.97
CA ALA A 81 15.68 -6.76 12.69
C ALA A 81 16.45 -5.61 12.05
N SER A 82 17.65 -5.88 11.49
CA SER A 82 18.46 -4.83 10.87
C SER A 82 17.93 -4.43 9.48
N GLU A 83 17.49 -5.43 8.67
CA GLU A 83 16.86 -5.17 7.35
C GLU A 83 15.62 -4.27 7.54
N TRP A 84 14.76 -4.62 8.54
CA TRP A 84 13.54 -3.86 8.82
C TRP A 84 13.85 -2.45 9.32
N ALA A 85 14.89 -2.30 10.17
CA ALA A 85 15.27 -0.97 10.68
C ALA A 85 15.68 -0.02 9.53
N ARG A 86 16.38 -0.55 8.51
CA ARG A 86 16.80 0.25 7.34
C ARG A 86 15.58 0.56 6.46
N LEU A 87 14.79 -0.47 6.18
CA LEU A 87 13.54 -0.42 5.41
C LEU A 87 12.58 0.59 6.05
N SER A 88 12.41 0.49 7.38
CA SER A 88 11.52 1.33 8.17
C SER A 88 11.98 2.80 8.17
N ASP A 89 13.30 3.04 8.31
CA ASP A 89 13.87 4.39 8.23
C ASP A 89 13.65 4.99 6.86
N GLY A 90 13.82 4.16 5.81
CA GLY A 90 13.60 4.56 4.42
C GLY A 90 12.17 4.93 4.11
N ALA A 91 11.21 4.14 4.60
CA ALA A 91 9.77 4.39 4.39
C ALA A 91 9.29 5.64 5.14
N ILE A 92 9.77 5.84 6.39
CA ILE A 92 9.41 7.03 7.20
C ILE A 92 9.95 8.30 6.53
N GLN A 93 11.20 8.24 6.03
CA GLN A 93 11.85 9.39 5.36
C GLN A 93 11.05 9.81 4.15
N ARG A 94 10.63 8.82 3.31
CA ARG A 94 9.87 9.04 2.10
C ARG A 94 8.51 9.64 2.40
N VAL A 95 7.79 9.08 3.38
CA VAL A 95 6.47 9.55 3.77
C VAL A 95 6.52 10.94 4.41
N LYS A 96 7.59 11.26 5.17
CA LYS A 96 7.73 12.62 5.73
C LYS A 96 7.86 13.64 4.60
N ALA A 97 8.66 13.33 3.59
CA ALA A 97 8.87 14.23 2.43
C ALA A 97 7.58 14.37 1.60
N LEU A 98 6.80 13.27 1.47
CA LEU A 98 5.52 13.29 0.74
C LEU A 98 4.49 14.18 1.44
N ASN A 99 4.44 14.13 2.80
CA ASN A 99 3.55 14.99 3.61
C ASN A 99 3.99 16.44 3.59
N MSE A 100 5.31 16.69 3.60
CA MSE A 100 5.83 18.05 3.52
C MSE A 100 5.62 18.64 2.11
O MSE A 100 5.30 19.82 1.98
CB MSE A 100 7.30 18.09 3.91
CG MSE A 100 7.50 17.78 5.38
SE MSE A 100 9.35 17.73 5.86
CE MSE A 100 9.63 19.65 5.97
N PHE A 101 5.69 17.78 1.08
CA PHE A 101 5.40 18.18 -0.30
C PHE A 101 3.94 18.62 -0.43
N LEU A 102 3.00 17.82 0.16
CA LEU A 102 1.56 18.11 0.15
C LEU A 102 1.22 19.41 0.88
N HIS A 103 1.85 19.67 2.02
CA HIS A 103 1.68 20.95 2.70
C HIS A 103 2.22 22.09 1.79
N ASP A 104 3.37 21.86 1.15
CA ASP A 104 3.98 22.88 0.29
C ASP A 104 3.11 23.23 -0.96
N VAL A 105 2.60 22.21 -1.72
CA VAL A 105 1.76 22.47 -2.93
C VAL A 105 0.51 23.26 -2.64
N TYR A 106 -0.06 23.09 -1.44
CA TYR A 106 -1.31 23.76 -1.07
C TYR A 106 -1.04 25.01 -0.23
N HIS A 107 0.24 25.42 -0.13
CA HIS A 107 0.62 26.62 0.61
C HIS A 107 1.52 27.53 -0.21
N ASP A 108 2.81 27.69 0.17
CA ASP A 108 3.72 28.61 -0.52
C ASP A 108 4.33 28.07 -1.81
N GLN A 109 4.16 26.76 -2.09
CA GLN A 109 4.68 26.12 -3.30
C GLN A 109 6.17 26.42 -3.52
N GLU A 110 6.97 26.36 -2.43
CA GLU A 110 8.40 26.65 -2.43
C GLU A 110 9.18 25.77 -3.42
N ILE A 111 8.81 24.46 -3.53
CA ILE A 111 9.47 23.51 -4.43
C ILE A 111 9.26 23.86 -5.92
N ILE A 112 8.12 24.52 -6.25
CA ILE A 112 7.83 24.95 -7.62
C ILE A 112 8.63 26.23 -7.93
N LYS A 113 8.65 27.20 -6.98
CA LYS A 113 9.40 28.45 -7.10
C LYS A 113 10.91 28.18 -7.21
N ALA A 114 11.41 27.09 -6.57
CA ALA A 114 12.82 26.69 -6.62
C ALA A 114 13.17 25.96 -7.95
N GLY A 115 12.16 25.74 -8.80
CA GLY A 115 12.32 25.10 -10.11
C GLY A 115 12.49 23.59 -10.07
N ILE A 116 12.44 22.98 -8.87
CA ILE A 116 12.62 21.53 -8.69
C ILE A 116 11.44 20.69 -9.21
N VAL A 117 10.21 21.12 -8.91
CA VAL A 117 9.02 20.48 -9.45
C VAL A 117 8.39 21.45 -10.45
N PRO A 118 8.18 21.04 -11.72
CA PRO A 118 7.58 21.95 -12.71
C PRO A 118 6.19 22.43 -12.31
N SER A 119 5.77 23.59 -12.84
CA SER A 119 4.43 24.13 -12.58
C SER A 119 3.33 23.32 -13.29
N SER A 120 3.73 22.41 -14.21
CA SER A 120 2.77 21.55 -14.93
C SER A 120 2.02 20.61 -13.98
N ILE A 121 2.59 20.39 -12.76
CA ILE A 121 1.94 19.59 -11.70
C ILE A 121 0.55 20.16 -11.36
N LEU A 122 0.36 21.48 -11.56
CA LEU A 122 -0.90 22.16 -11.27
C LEU A 122 -1.99 21.85 -12.32
N ALA A 123 -1.63 21.14 -13.41
CA ALA A 123 -2.58 20.67 -14.43
C ALA A 123 -3.17 19.32 -14.01
N ASN A 124 -2.58 18.68 -12.98
CA ASN A 124 -3.03 17.39 -12.48
C ASN A 124 -4.41 17.47 -11.87
N ALA A 125 -5.32 16.55 -12.28
CA ALA A 125 -6.71 16.48 -11.82
C ALA A 125 -6.78 16.15 -10.35
N GLN A 126 -5.71 15.52 -9.83
CA GLN A 126 -5.61 15.15 -8.41
C GLN A 126 -5.23 16.35 -7.51
N TYR A 127 -4.72 17.44 -8.12
CA TYR A 127 -4.44 18.66 -7.38
C TYR A 127 -5.77 19.36 -7.12
N ARG A 128 -6.14 19.56 -5.84
CA ARG A 128 -7.44 20.14 -5.48
C ARG A 128 -7.30 21.57 -5.05
N PRO A 129 -7.72 22.53 -5.92
CA PRO A 129 -7.62 23.95 -5.53
C PRO A 129 -8.45 24.31 -4.28
N GLU A 130 -9.43 23.43 -3.91
CA GLU A 130 -10.27 23.55 -2.70
C GLU A 130 -9.43 23.42 -1.43
N MSE A 131 -8.25 22.79 -1.56
CA MSE A 131 -7.31 22.57 -0.44
C MSE A 131 -6.22 23.64 -0.35
O MSE A 131 -5.46 23.65 0.61
CB MSE A 131 -6.73 21.17 -0.54
CG MSE A 131 -7.75 20.08 -0.24
SE MSE A 131 -8.58 20.35 1.56
CE MSE A 131 -7.00 19.88 2.63
N PHE A 132 -6.17 24.58 -1.31
CA PHE A 132 -5.17 25.64 -1.31
C PHE A 132 -5.39 26.62 -0.17
N GLY A 133 -4.37 26.81 0.66
CA GLY A 133 -4.43 27.70 1.81
C GLY A 133 -5.05 27.06 3.03
N VAL A 134 -5.53 25.80 2.91
CA VAL A 134 -6.17 25.09 4.03
C VAL A 134 -5.13 24.44 4.94
N ASP A 135 -5.15 24.80 6.23
CA ASP A 135 -4.28 24.20 7.25
C ASP A 135 -4.95 22.93 7.79
N VAL A 136 -4.22 21.81 7.76
CA VAL A 136 -4.72 20.53 8.24
C VAL A 136 -4.05 20.18 9.58
N PRO A 137 -4.76 19.52 10.53
CA PRO A 137 -4.15 19.23 11.85
C PRO A 137 -2.79 18.51 11.78
N GLY A 138 -1.78 19.13 12.38
CA GLY A 138 -0.40 18.64 12.42
C GLY A 138 0.31 18.61 11.08
N GLY A 139 -0.30 19.18 10.05
CA GLY A 139 0.26 19.17 8.69
C GLY A 139 0.31 17.78 8.07
N VAL A 140 -0.53 16.87 8.58
CA VAL A 140 -0.58 15.49 8.09
C VAL A 140 -1.64 15.34 7.01
N TYR A 141 -1.25 14.88 5.82
CA TYR A 141 -2.18 14.66 4.71
C TYR A 141 -2.41 13.19 4.52
N ALA A 142 -1.33 12.39 4.53
CA ALA A 142 -1.39 10.94 4.38
C ALA A 142 -1.18 10.32 5.74
N HIS A 143 -2.28 10.15 6.49
CA HIS A 143 -2.30 9.54 7.84
C HIS A 143 -1.90 8.08 7.71
N ILE A 144 -2.25 7.46 6.57
CA ILE A 144 -1.82 6.12 6.20
C ILE A 144 -1.20 6.18 4.80
N ALA A 145 0.01 5.63 4.67
CA ALA A 145 0.71 5.56 3.40
C ALA A 145 1.20 4.16 3.17
N GLY A 146 0.79 3.57 2.07
CA GLY A 146 1.27 2.27 1.63
C GLY A 146 2.43 2.44 0.67
N VAL A 147 3.51 1.70 0.89
CA VAL A 147 4.72 1.80 0.06
C VAL A 147 4.99 0.45 -0.57
N ASP A 148 4.84 0.33 -1.89
CA ASP A 148 5.12 -0.95 -2.55
C ASP A 148 6.62 -1.12 -2.81
N LEU A 149 7.22 -2.14 -2.19
CA LEU A 149 8.66 -2.37 -2.25
C LEU A 149 9.01 -3.68 -2.90
N VAL A 150 10.15 -3.71 -3.59
CA VAL A 150 10.71 -4.91 -4.20
C VAL A 150 12.17 -5.02 -3.83
N ARG A 151 12.68 -6.24 -3.74
CA ARG A 151 14.07 -6.51 -3.37
C ARG A 151 14.85 -7.06 -4.58
N THR A 152 16.10 -6.62 -4.77
CA THR A 152 16.93 -7.13 -5.87
C THR A 152 18.21 -7.79 -5.34
N GLY A 153 18.60 -7.44 -4.11
CA GLY A 153 19.80 -7.97 -3.47
C GLY A 153 19.68 -8.09 -1.97
N GLU A 154 20.83 -8.33 -1.29
CA GLU A 154 20.91 -8.46 0.18
C GLU A 154 20.54 -7.12 0.83
N ASN A 155 21.10 -6.02 0.30
CA ASN A 155 20.85 -4.68 0.80
C ASN A 155 20.30 -3.76 -0.31
N ASP A 156 19.48 -4.32 -1.23
CA ASP A 156 18.90 -3.55 -2.34
C ASP A 156 17.36 -3.59 -2.36
N PHE A 157 16.72 -2.43 -2.13
CA PHE A 157 15.26 -2.29 -2.13
C PHE A 157 14.81 -1.12 -3.00
N TYR A 158 13.73 -1.31 -3.78
CA TYR A 158 13.18 -0.26 -4.63
C TYR A 158 11.72 0.03 -4.32
N VAL A 159 11.34 1.33 -4.28
CA VAL A 159 9.93 1.70 -4.11
C VAL A 159 9.29 1.69 -5.49
N LEU A 160 8.33 0.79 -5.73
CA LEU A 160 7.64 0.72 -7.03
C LEU A 160 6.58 1.81 -7.16
N GLU A 161 5.89 2.13 -6.06
CA GLU A 161 4.73 3.02 -6.07
C GLU A 161 4.39 3.49 -4.67
N ASP A 162 3.76 4.67 -4.56
CA ASP A 162 3.26 5.19 -3.28
C ASP A 162 1.72 5.10 -3.29
N ASN A 163 1.09 4.83 -2.12
CA ASN A 163 -0.39 4.72 -2.02
C ASN A 163 -0.88 5.61 -0.90
N LEU A 164 -1.40 6.80 -1.25
CA LEU A 164 -1.75 7.84 -0.27
C LEU A 164 -3.23 8.23 -0.27
N ARG A 165 -4.06 7.57 -1.07
CA ARG A 165 -5.48 7.93 -1.20
C ARG A 165 -6.33 7.23 -0.14
N THR A 166 -6.61 5.92 -0.32
CA THR A 166 -7.31 5.07 0.68
C THR A 166 -6.53 3.72 0.75
N PRO A 167 -5.19 3.73 1.10
CA PRO A 167 -4.40 2.47 1.06
C PRO A 167 -5.07 1.30 1.75
N SER A 168 -4.96 0.11 1.14
CA SER A 168 -5.61 -1.09 1.66
C SER A 168 -4.67 -2.28 1.73
N GLY A 169 -5.10 -3.35 2.40
CA GLY A 169 -4.33 -4.58 2.50
C GLY A 169 -4.00 -5.02 3.91
N VAL A 170 -4.22 -4.15 4.94
CA VAL A 170 -3.91 -4.50 6.33
C VAL A 170 -4.67 -5.72 6.83
N SER A 171 -5.93 -5.93 6.34
CA SER A 171 -6.73 -7.09 6.75
C SER A 171 -6.04 -8.40 6.35
N TYR A 172 -5.39 -8.44 5.17
CA TYR A 172 -4.64 -9.62 4.75
C TYR A 172 -3.38 -9.79 5.63
N MSE A 173 -2.74 -8.68 6.00
CA MSE A 173 -1.56 -8.72 6.87
C MSE A 173 -1.93 -9.30 8.25
O MSE A 173 -1.24 -10.18 8.76
CB MSE A 173 -0.95 -7.30 7.02
CG MSE A 173 0.15 -7.23 8.08
SE MSE A 173 0.83 -5.41 8.37
CE MSE A 173 -0.33 -4.89 9.81
N LEU A 174 -3.04 -8.81 8.82
CA LEU A 174 -3.48 -9.24 10.15
C LEU A 174 -3.97 -10.68 10.16
N GLU A 175 -4.76 -11.08 9.14
CA GLU A 175 -5.30 -12.45 9.04
C GLU A 175 -4.26 -13.47 8.68
N ASN A 176 -3.24 -13.10 7.90
CA ASN A 176 -2.19 -14.04 7.55
C ASN A 176 -1.37 -14.42 8.76
N ARG A 177 -1.16 -13.47 9.69
CA ARG A 177 -0.44 -13.78 10.93
C ARG A 177 -1.25 -14.74 11.80
N LYS A 178 -2.56 -14.44 11.98
CA LYS A 178 -3.51 -15.23 12.77
C LYS A 178 -3.57 -16.69 12.23
N MSE A 179 -3.55 -16.84 10.88
CA MSE A 179 -3.58 -18.13 10.17
C MSE A 179 -2.31 -18.96 10.47
O MSE A 179 -2.41 -20.16 10.77
CB MSE A 179 -3.73 -17.90 8.65
CG MSE A 179 -3.60 -19.16 7.80
SE MSE A 179 -4.95 -20.51 8.28
CE MSE A 179 -6.37 -19.85 7.27
N MSE A 180 -1.11 -18.31 10.39
CA MSE A 180 0.19 -18.95 10.64
C MSE A 180 0.30 -19.41 12.09
O MSE A 180 0.85 -20.48 12.35
CB MSE A 180 1.34 -17.99 10.30
CG MSE A 180 1.54 -17.78 8.81
SE MSE A 180 2.23 -19.33 7.84
CE MSE A 180 3.90 -19.52 8.69
N MSE A 181 -0.19 -18.57 13.04
CA MSE A 181 -0.16 -18.87 14.47
C MSE A 181 -1.12 -20.06 14.79
O MSE A 181 -0.82 -20.88 15.65
CB MSE A 181 -0.54 -17.63 15.30
CG MSE A 181 -0.54 -17.88 16.83
SE MSE A 181 1.24 -18.45 17.52
CE MSE A 181 2.07 -16.70 17.54
N ARG A 182 -2.26 -20.13 14.07
CA ARG A 182 -3.24 -21.19 14.25
C ARG A 182 -2.69 -22.53 13.71
N LEU A 183 -2.04 -22.51 12.52
CA LEU A 183 -1.49 -23.72 11.91
C LEU A 183 -0.21 -24.20 12.59
N PHE A 184 0.78 -23.29 12.79
CA PHE A 184 2.11 -23.68 13.28
C PHE A 184 2.61 -22.90 14.53
N PRO A 185 1.93 -23.04 15.70
CA PRO A 185 2.40 -22.32 16.91
C PRO A 185 3.86 -22.61 17.26
N GLU A 186 4.30 -23.86 17.03
CA GLU A 186 5.68 -24.28 17.34
C GLU A 186 6.74 -23.48 16.55
N LEU A 187 6.39 -22.99 15.34
CA LEU A 187 7.28 -22.20 14.48
C LEU A 187 7.55 -20.81 15.10
N PHE A 188 6.55 -20.26 15.78
CA PHE A 188 6.66 -18.97 16.45
C PHE A 188 7.49 -19.07 17.74
N ARG A 189 7.74 -20.29 18.21
CA ARG A 189 8.58 -20.54 19.37
CA ARG A 189 8.59 -20.51 19.37
C ARG A 189 10.05 -20.47 18.93
N ARG A 190 10.34 -20.95 17.70
CA ARG A 190 11.69 -20.99 17.10
C ARG A 190 12.18 -19.66 16.56
N TYR A 191 11.25 -18.72 16.19
CA TYR A 191 11.61 -17.39 15.69
C TYR A 191 11.09 -16.28 16.59
N PRO A 192 11.91 -15.22 16.84
CA PRO A 192 11.41 -14.07 17.62
C PRO A 192 10.62 -13.09 16.73
N VAL A 193 9.39 -13.50 16.33
CA VAL A 193 8.55 -12.72 15.42
C VAL A 193 7.86 -11.55 16.13
N ALA A 194 8.06 -10.31 15.62
CA ALA A 194 7.41 -9.12 16.19
C ALA A 194 5.89 -9.15 15.90
N PRO A 195 5.04 -8.76 16.88
CA PRO A 195 3.59 -8.82 16.66
C PRO A 195 3.05 -7.71 15.76
N VAL A 196 1.84 -7.90 15.18
CA VAL A 196 1.22 -6.93 14.26
C VAL A 196 -0.19 -6.54 14.67
N GLU A 197 -0.86 -7.36 15.52
CA GLU A 197 -2.28 -7.18 15.85
C GLU A 197 -2.68 -5.90 16.59
N HIS A 198 -1.69 -5.10 17.01
CA HIS A 198 -1.94 -3.82 17.68
C HIS A 198 -2.13 -2.66 16.66
N TYR A 199 -1.97 -2.95 15.35
CA TYR A 199 -2.11 -1.97 14.27
C TYR A 199 -3.40 -1.14 14.40
N PRO A 200 -4.62 -1.76 14.50
CA PRO A 200 -5.86 -0.94 14.61
C PRO A 200 -5.89 0.05 15.77
N GLN A 201 -5.28 -0.31 16.92
CA GLN A 201 -5.25 0.57 18.07
C GLN A 201 -4.19 1.67 17.92
N VAL A 202 -3.08 1.37 17.22
CA VAL A 202 -2.07 2.39 16.87
C VAL A 202 -2.74 3.39 15.90
N LEU A 203 -3.48 2.88 14.90
CA LEU A 203 -4.18 3.75 13.95
C LEU A 203 -5.26 4.62 14.63
N LEU A 204 -6.08 4.02 15.52
CA LEU A 204 -7.10 4.79 16.24
C LEU A 204 -6.45 5.92 17.06
N ASN A 205 -5.34 5.62 17.74
CA ASN A 205 -4.63 6.62 18.54
C ASN A 205 -4.09 7.77 17.67
N ASN A 206 -3.57 7.45 16.48
CA ASN A 206 -3.12 8.46 15.52
C ASN A 206 -4.27 9.31 14.98
N LEU A 207 -5.47 8.71 14.77
CA LEU A 207 -6.64 9.47 14.27
C LEU A 207 -7.12 10.48 15.34
N ARG A 208 -7.09 10.07 16.62
CA ARG A 208 -7.47 10.95 17.74
CA ARG A 208 -7.48 10.95 17.73
C ARG A 208 -6.52 12.13 17.84
N ALA A 209 -5.23 11.90 17.54
CA ALA A 209 -4.16 12.90 17.61
C ALA A 209 -4.31 13.99 16.54
N VAL A 210 -5.09 13.71 15.47
CA VAL A 210 -5.28 14.70 14.40
C VAL A 210 -6.61 15.38 14.50
N ALA A 211 -7.26 15.30 15.68
CA ALA A 211 -8.50 16.04 15.92
C ALA A 211 -8.17 17.53 15.88
N GLN A 212 -9.12 18.37 15.47
CA GLN A 212 -8.88 19.83 15.40
C GLN A 212 -8.56 20.43 16.81
N ALA A 213 -7.96 21.64 16.83
CA ALA A 213 -7.55 22.32 18.06
C ALA A 213 -8.75 22.58 18.95
N GLY A 214 -8.65 22.16 20.23
CA GLY A 214 -9.71 22.32 21.21
C GLY A 214 -10.40 21.03 21.61
N VAL A 215 -10.55 20.08 20.64
CA VAL A 215 -11.24 18.80 20.85
C VAL A 215 -10.50 17.93 21.89
N HIS A 216 -11.16 17.62 23.01
CA HIS A 216 -10.53 16.86 24.10
C HIS A 216 -10.67 15.34 23.98
N GLU A 217 -11.90 14.84 23.79
CA GLU A 217 -12.11 13.41 23.62
C GLU A 217 -12.78 13.16 22.26
N PRO A 218 -11.95 13.11 21.17
CA PRO A 218 -12.52 13.08 19.82
C PRO A 218 -13.31 11.83 19.50
N THR A 219 -14.44 12.01 18.81
CA THR A 219 -15.25 10.92 18.33
C THR A 219 -14.72 10.58 16.93
N VAL A 220 -14.37 9.31 16.70
CA VAL A 220 -13.83 8.84 15.43
C VAL A 220 -14.79 7.86 14.77
N VAL A 221 -15.06 8.03 13.48
CA VAL A 221 -15.91 7.11 12.72
C VAL A 221 -15.17 6.68 11.43
N LEU A 222 -15.58 5.58 10.82
CA LEU A 222 -15.03 5.14 9.55
C LEU A 222 -16.13 5.30 8.48
N LEU A 223 -15.94 6.26 7.53
CA LEU A 223 -16.90 6.48 6.45
C LEU A 223 -16.64 5.51 5.27
N THR A 224 -17.59 4.60 5.04
CA THR A 224 -17.50 3.57 3.99
C THR A 224 -18.49 3.84 2.83
N PRO A 225 -18.13 3.47 1.57
CA PRO A 225 -19.13 3.58 0.48
C PRO A 225 -20.26 2.56 0.66
N GLY A 226 -19.97 1.46 1.36
CA GLY A 226 -20.95 0.41 1.63
C GLY A 226 -20.56 -0.95 1.09
N ALA A 227 -21.47 -1.95 1.24
CA ALA A 227 -21.27 -3.36 0.85
C ALA A 227 -20.88 -3.61 -0.62
N TYR A 228 -21.37 -2.79 -1.55
CA TYR A 228 -21.02 -2.97 -2.96
C TYR A 228 -19.67 -2.34 -3.33
N ASN A 229 -18.68 -2.54 -2.44
CA ASN A 229 -17.30 -2.10 -2.60
C ASN A 229 -16.40 -3.31 -2.28
N SER A 230 -15.39 -3.55 -3.14
CA SER A 230 -14.46 -4.70 -3.02
C SER A 230 -13.74 -4.77 -1.66
N ALA A 231 -13.40 -3.59 -1.07
CA ALA A 231 -12.69 -3.52 0.22
C ALA A 231 -13.64 -3.34 1.42
N TYR A 232 -14.98 -3.49 1.21
CA TYR A 232 -15.95 -3.29 2.29
C TYR A 232 -15.66 -4.13 3.51
N PHE A 233 -15.35 -5.44 3.33
CA PHE A 233 -15.02 -6.28 4.47
CA PHE A 233 -14.98 -6.33 4.42
C PHE A 233 -13.87 -5.69 5.28
N GLU A 234 -12.82 -5.17 4.61
CA GLU A 234 -11.71 -4.53 5.32
C GLU A 234 -12.21 -3.32 6.14
N HIS A 235 -13.16 -2.52 5.59
CA HIS A 235 -13.71 -1.35 6.29
C HIS A 235 -14.41 -1.80 7.58
N ALA A 236 -15.28 -2.82 7.46
CA ALA A 236 -16.04 -3.36 8.59
C ALA A 236 -15.09 -4.00 9.62
N PHE A 237 -14.08 -4.77 9.12
CA PHE A 237 -13.08 -5.45 9.94
C PHE A 237 -12.21 -4.45 10.74
N ILE A 238 -11.59 -3.44 10.06
CA ILE A 238 -10.75 -2.48 10.75
CA ILE A 238 -10.74 -2.44 10.74
C ILE A 238 -11.54 -1.63 11.76
N ALA A 239 -12.76 -1.20 11.40
CA ALA A 239 -13.63 -0.42 12.31
C ALA A 239 -14.00 -1.26 13.56
N GLN A 240 -14.29 -2.55 13.36
CA GLN A 240 -14.59 -3.46 14.47
C GLN A 240 -13.33 -3.65 15.34
N GLN A 241 -12.16 -3.89 14.69
CA GLN A 241 -10.87 -4.01 15.41
C GLN A 241 -10.53 -2.74 16.20
N MSE A 242 -10.94 -1.59 15.67
CA MSE A 242 -10.68 -0.30 16.32
C MSE A 242 -11.71 -0.03 17.42
O MSE A 242 -11.39 0.66 18.39
CB MSE A 242 -10.72 0.82 15.28
CG MSE A 242 -9.46 0.93 14.44
SE MSE A 242 -9.47 2.49 13.23
CE MSE A 242 -10.41 1.77 11.88
N GLY A 243 -12.94 -0.49 17.24
CA GLY A 243 -14.03 -0.22 18.16
C GLY A 243 -14.70 1.12 17.88
N ILE A 244 -14.79 1.49 16.59
CA ILE A 244 -15.43 2.74 16.17
C ILE A 244 -16.62 2.44 15.23
N GLU A 245 -17.55 3.39 15.09
CA GLU A 245 -18.72 3.22 14.22
C GLU A 245 -18.35 3.17 12.76
N LEU A 246 -18.98 2.26 12.02
CA LEU A 246 -18.86 2.13 10.59
C LEU A 246 -20.08 2.87 10.00
N VAL A 247 -19.85 3.99 9.33
CA VAL A 247 -20.94 4.80 8.80
C VAL A 247 -20.90 4.95 7.29
N GLU A 248 -22.06 5.25 6.70
CA GLU A 248 -22.23 5.60 5.29
C GLU A 248 -22.64 7.06 5.25
N GLY A 249 -22.55 7.68 4.08
CA GLY A 249 -22.85 9.11 3.93
C GLY A 249 -24.13 9.57 4.59
N GLN A 250 -25.23 8.82 4.36
CA GLN A 250 -26.57 9.15 4.86
C GLN A 250 -26.70 9.11 6.40
N ASP A 251 -25.71 8.48 7.08
CA ASP A 251 -25.68 8.36 8.55
C ASP A 251 -25.16 9.64 9.22
N LEU A 252 -24.57 10.54 8.43
CA LEU A 252 -23.97 11.79 8.89
C LEU A 252 -24.66 12.97 8.25
N PHE A 253 -24.54 14.14 8.87
CA PHE A 253 -25.07 15.36 8.30
C PHE A 253 -24.29 16.53 8.84
N VAL A 254 -24.32 17.64 8.11
CA VAL A 254 -23.58 18.84 8.45
C VAL A 254 -24.52 19.95 8.92
N ARG A 255 -24.11 20.71 9.94
CA ARG A 255 -24.73 21.99 10.34
C ARG A 255 -23.84 22.82 11.24
N ASN A 256 -23.86 24.14 11.02
CA ASN A 256 -23.07 25.14 11.75
CA ASN A 256 -23.10 25.12 11.82
C ASN A 256 -21.62 24.72 11.99
N ASN A 257 -20.92 24.41 10.88
CA ASN A 257 -19.50 24.04 10.88
C ASN A 257 -19.18 22.82 11.74
N ALA A 258 -20.04 21.81 11.68
CA ALA A 258 -19.84 20.59 12.42
C ALA A 258 -20.51 19.45 11.70
N VAL A 259 -20.01 18.24 11.94
CA VAL A 259 -20.56 17.02 11.35
C VAL A 259 -21.14 16.22 12.49
N TYR A 260 -22.35 15.67 12.30
CA TYR A 260 -23.02 14.91 13.33
C TYR A 260 -23.35 13.53 12.85
N MSE A 261 -23.36 12.57 13.76
CA MSE A 261 -23.79 11.22 13.47
C MSE A 261 -25.19 11.05 14.06
O MSE A 261 -25.44 11.50 15.18
CB MSE A 261 -22.82 10.19 14.07
CG MSE A 261 -23.17 8.74 13.71
SE MSE A 261 -22.04 7.46 14.61
CE MSE A 261 -21.60 8.44 16.19
N ARG A 262 -26.12 10.45 13.30
CA ARG A 262 -27.50 10.22 13.76
C ARG A 262 -27.54 9.09 14.78
N THR A 263 -28.11 9.36 15.96
CA THR A 263 -28.35 8.33 16.99
C THR A 263 -29.79 8.52 17.54
N THR A 264 -30.40 7.44 18.06
CA THR A 264 -31.76 7.52 18.62
C THR A 264 -31.85 8.55 19.76
N GLU A 265 -30.76 8.71 20.55
CA GLU A 265 -30.70 9.65 21.65
C GLU A 265 -30.44 11.09 21.19
N GLY A 266 -30.12 11.28 19.91
CA GLY A 266 -29.84 12.61 19.37
C GLY A 266 -28.59 12.67 18.52
N PRO A 267 -28.32 13.84 17.87
CA PRO A 267 -27.12 13.94 17.02
C PRO A 267 -25.82 13.92 17.83
N LYS A 268 -24.88 13.03 17.45
CA LYS A 268 -23.56 12.96 18.11
C LYS A 268 -22.48 13.60 17.21
N ARG A 269 -21.77 14.64 17.72
CA ARG A 269 -20.71 15.28 16.94
C ARG A 269 -19.56 14.35 16.58
N VAL A 270 -19.14 14.40 15.30
CA VAL A 270 -18.02 13.59 14.79
C VAL A 270 -16.82 14.50 14.63
N ASP A 271 -15.68 14.14 15.25
CA ASP A 271 -14.49 14.99 15.20
C ASP A 271 -13.49 14.57 14.15
N VAL A 272 -13.34 13.24 13.93
CA VAL A 272 -12.39 12.70 12.96
C VAL A 272 -13.08 11.63 12.12
N ILE A 273 -12.95 11.73 10.79
CA ILE A 273 -13.49 10.73 9.86
C ILE A 273 -12.36 10.03 9.14
N TYR A 274 -12.23 8.72 9.35
CA TYR A 274 -11.29 7.90 8.62
C TYR A 274 -12.01 7.57 7.33
N ARG A 275 -11.72 8.31 6.25
CA ARG A 275 -12.46 8.14 5.01
C ARG A 275 -11.94 7.02 4.13
N ARG A 276 -12.81 6.09 3.76
CA ARG A 276 -12.46 5.02 2.83
C ARG A 276 -13.27 5.21 1.54
N ILE A 277 -13.56 6.46 1.22
CA ILE A 277 -14.26 6.88 0.00
C ILE A 277 -13.32 7.84 -0.74
N ASP A 278 -13.32 7.83 -2.10
CA ASP A 278 -12.49 8.75 -2.89
C ASP A 278 -12.98 10.18 -2.71
N ASP A 279 -12.04 11.16 -2.80
CA ASP A 279 -12.34 12.61 -2.72
C ASP A 279 -13.58 12.97 -3.50
N ASP A 280 -13.62 12.54 -4.77
CA ASP A 280 -14.68 12.85 -5.72
C ASP A 280 -16.07 12.56 -5.20
N PHE A 281 -16.21 11.60 -4.28
CA PHE A 281 -17.52 11.13 -3.81
C PHE A 281 -17.93 11.59 -2.41
N ILE A 282 -17.09 12.38 -1.72
CA ILE A 282 -17.35 12.74 -0.32
C ILE A 282 -18.38 13.86 -0.09
N ASP A 283 -18.56 14.75 -1.07
CA ASP A 283 -19.43 15.92 -0.87
C ASP A 283 -20.08 16.36 -2.18
N PRO A 284 -21.39 16.05 -2.37
CA PRO A 284 -22.07 16.43 -3.63
C PRO A 284 -22.23 17.94 -3.86
N LEU A 285 -21.98 18.77 -2.84
CA LEU A 285 -22.06 20.21 -2.99
C LEU A 285 -20.74 20.81 -3.48
N SER A 286 -19.68 20.00 -3.53
CA SER A 286 -18.35 20.51 -3.91
C SER A 286 -17.69 19.71 -5.01
N PHE A 287 -17.98 18.41 -5.08
CA PHE A 287 -17.37 17.52 -6.07
C PHE A 287 -18.48 16.91 -6.93
N ARG A 288 -18.42 15.58 -7.21
CA ARG A 288 -19.44 14.88 -8.01
C ARG A 288 -20.85 15.10 -7.44
N PRO A 289 -21.73 15.88 -8.13
CA PRO A 289 -23.05 16.21 -7.54
C PRO A 289 -24.03 15.04 -7.49
N ASP A 290 -23.74 13.99 -8.25
CA ASP A 290 -24.60 12.80 -8.33
C ASP A 290 -24.27 11.78 -7.24
N SER A 291 -23.14 11.95 -6.54
CA SER A 291 -22.69 11.01 -5.50
C SER A 291 -23.72 10.83 -4.38
N MSE A 292 -23.92 9.56 -3.98
CA MSE A 292 -24.79 9.21 -2.86
C MSE A 292 -23.96 8.61 -1.73
O MSE A 292 -24.53 8.12 -0.74
CB MSE A 292 -25.85 8.24 -3.33
CG MSE A 292 -26.96 8.88 -4.09
SE MSE A 292 -28.15 7.52 -4.67
CE MSE A 292 -29.56 8.67 -5.48
N LEU A 293 -22.62 8.65 -1.86
CA LEU A 293 -21.70 8.08 -0.87
C LEU A 293 -21.28 9.09 0.17
N GLY A 294 -21.38 10.36 -0.18
CA GLY A 294 -20.85 11.43 0.65
C GLY A 294 -21.81 12.12 1.58
N VAL A 295 -21.37 13.28 2.09
CA VAL A 295 -22.06 14.06 3.08
C VAL A 295 -22.10 15.50 2.57
N PRO A 296 -23.29 16.04 2.21
CA PRO A 296 -23.34 17.43 1.70
C PRO A 296 -22.78 18.46 2.68
N GLY A 297 -21.84 19.28 2.20
CA GLY A 297 -21.21 20.34 2.98
C GLY A 297 -19.99 19.91 3.78
N LEU A 298 -19.63 18.61 3.71
CA LEU A 298 -18.49 18.06 4.45
C LEU A 298 -17.18 18.81 4.17
N LEU A 299 -16.89 19.08 2.89
CA LEU A 299 -15.66 19.79 2.51
C LEU A 299 -15.55 21.15 3.21
N SER A 300 -16.66 21.92 3.27
CA SER A 300 -16.68 23.23 3.95
C SER A 300 -16.34 23.14 5.46
N VAL A 301 -16.86 22.10 6.16
CA VAL A 301 -16.57 21.88 7.60
C VAL A 301 -15.06 21.60 7.79
N TYR A 302 -14.50 20.77 6.92
CA TYR A 302 -13.10 20.39 6.94
C TYR A 302 -12.21 21.61 6.66
N ARG A 303 -12.56 22.39 5.60
CA ARG A 303 -11.82 23.61 5.24
C ARG A 303 -11.86 24.66 6.35
N ASN A 304 -12.96 24.66 7.18
CA ASN A 304 -13.14 25.62 8.28
C ASN A 304 -12.83 25.10 9.68
N GLY A 305 -12.18 23.94 9.75
CA GLY A 305 -11.68 23.36 11.00
C GLY A 305 -12.68 22.73 11.94
N GLY A 306 -13.85 22.36 11.43
CA GLY A 306 -14.88 21.73 12.26
C GLY A 306 -14.79 20.21 12.33
N VAL A 307 -13.92 19.62 11.49
CA VAL A 307 -13.73 18.16 11.42
C VAL A 307 -12.36 17.85 10.79
N THR A 308 -11.84 16.64 11.04
CA THR A 308 -10.62 16.16 10.40
C THR A 308 -10.97 14.99 9.49
N LEU A 309 -10.48 15.03 8.24
CA LEU A 309 -10.61 13.92 7.28
C LEU A 309 -9.25 13.24 7.17
N ALA A 310 -9.25 11.92 7.21
CA ALA A 310 -8.02 11.14 7.14
C ALA A 310 -8.26 9.94 6.23
N ASN A 311 -7.52 9.83 5.10
CA ASN A 311 -6.50 10.80 4.67
C ASN A 311 -7.13 12.11 4.20
N ALA A 312 -6.35 13.19 4.24
CA ALA A 312 -6.78 14.51 3.80
C ALA A 312 -7.28 14.47 2.36
N VAL A 313 -8.11 15.45 1.99
CA VAL A 313 -8.55 15.65 0.62
C VAL A 313 -7.33 16.21 -0.18
N GLY A 314 -7.16 15.75 -1.42
CA GLY A 314 -6.10 16.24 -2.30
C GLY A 314 -4.73 15.58 -2.19
N THR A 315 -4.66 14.38 -1.58
CA THR A 315 -3.37 13.67 -1.46
C THR A 315 -2.94 13.04 -2.79
N GLY A 316 -3.91 12.86 -3.71
CA GLY A 316 -3.70 12.21 -5.00
C GLY A 316 -2.63 12.84 -5.86
N VAL A 317 -2.35 14.15 -5.66
CA VAL A 317 -1.32 14.83 -6.42
C VAL A 317 0.09 14.28 -6.09
N ALA A 318 0.28 13.69 -4.90
CA ALA A 318 1.59 13.16 -4.47
C ALA A 318 1.86 11.70 -4.92
N ASP A 319 0.82 10.90 -5.12
CA ASP A 319 1.05 9.52 -5.56
C ASP A 319 0.65 9.26 -7.00
N ASP A 320 0.28 10.33 -7.75
CA ASP A 320 0.03 10.25 -9.19
C ASP A 320 1.32 9.82 -9.93
N LYS A 321 1.18 9.02 -10.99
CA LYS A 321 2.29 8.50 -11.79
C LYS A 321 3.26 9.61 -12.28
N ASP A 322 2.74 10.83 -12.55
CA ASP A 322 3.59 11.94 -13.00
C ASP A 322 4.36 12.63 -11.87
N THR A 323 3.93 12.44 -10.61
CA THR A 323 4.62 13.08 -9.47
C THR A 323 5.67 12.15 -8.88
N TYR A 324 5.45 10.83 -9.02
CA TYR A 324 6.32 9.77 -8.50
C TYR A 324 7.81 10.02 -8.79
N ILE A 325 8.11 10.54 -9.97
CA ILE A 325 9.50 10.76 -10.39
C ILE A 325 10.23 11.87 -9.61
N TYR A 326 9.48 12.74 -8.91
CA TYR A 326 10.07 13.85 -8.14
C TYR A 326 10.30 13.52 -6.67
N VAL A 327 9.86 12.35 -6.21
CA VAL A 327 9.97 11.96 -4.80
C VAL A 327 11.41 12.02 -4.25
N PRO A 328 12.45 11.49 -4.97
CA PRO A 328 13.83 11.64 -4.46
C PRO A 328 14.24 13.10 -4.27
N GLU A 329 13.77 14.01 -5.17
CA GLU A 329 14.05 15.46 -5.07
C GLU A 329 13.31 16.11 -3.91
N MSE A 330 12.09 15.57 -3.54
CA MSE A 330 11.35 16.07 -2.36
C MSE A 330 12.17 15.77 -1.10
O MSE A 330 12.22 16.60 -0.21
CB MSE A 330 10.00 15.39 -2.23
CG MSE A 330 9.03 15.69 -3.36
SE MSE A 330 7.45 14.51 -3.15
CE MSE A 330 6.72 14.77 -4.88
N ILE A 331 12.74 14.55 -1.00
CA ILE A 331 13.55 14.16 0.16
C ILE A 331 14.76 15.13 0.33
N ARG A 332 15.49 15.40 -0.76
CA ARG A 332 16.61 16.36 -0.76
C ARG A 332 16.16 17.76 -0.41
N PHE A 333 15.04 18.24 -1.03
CA PHE A 333 14.54 19.59 -0.80
C PHE A 333 13.98 19.82 0.63
N TYR A 334 13.08 18.95 1.10
CA TYR A 334 12.44 19.15 2.40
C TYR A 334 13.25 18.70 3.57
N LEU A 335 13.99 17.61 3.41
CA LEU A 335 14.70 17.02 4.54
C LEU A 335 16.21 17.27 4.53
N GLY A 336 16.73 17.75 3.39
CA GLY A 336 18.17 17.98 3.22
C GLY A 336 18.98 16.70 3.33
N GLU A 337 18.38 15.56 2.91
CA GLU A 337 18.99 14.24 3.01
C GLU A 337 19.00 13.55 1.67
N GLU A 338 19.84 12.53 1.54
CA GLU A 338 19.85 11.66 0.38
C GLU A 338 18.78 10.56 0.58
N PRO A 339 18.03 10.18 -0.49
CA PRO A 339 17.01 9.12 -0.32
C PRO A 339 17.59 7.80 0.14
N ILE A 340 17.00 7.18 1.19
CA ILE A 340 17.45 5.87 1.68
C ILE A 340 16.99 4.78 0.69
N LEU A 341 15.71 4.86 0.27
CA LEU A 341 15.13 3.90 -0.70
C LEU A 341 15.13 4.50 -2.09
N SER A 342 15.41 3.69 -3.10
CA SER A 342 15.48 4.19 -4.48
C SER A 342 14.19 4.06 -5.21
N ASN A 343 13.92 5.04 -6.08
CA ASN A 343 12.85 4.99 -7.05
C ASN A 343 13.28 4.04 -8.17
N VAL A 344 12.34 3.63 -8.99
CA VAL A 344 12.64 2.82 -10.16
C VAL A 344 12.56 3.78 -11.37
N PRO A 345 13.56 3.80 -12.31
CA PRO A 345 13.41 4.67 -13.51
C PRO A 345 12.09 4.36 -14.20
N THR A 346 11.24 5.38 -14.36
CA THR A 346 9.90 5.16 -14.90
C THR A 346 9.62 6.06 -16.06
N TYR A 347 9.13 5.48 -17.15
CA TYR A 347 8.78 6.20 -18.36
C TYR A 347 7.30 6.47 -18.38
N GLN A 348 6.89 7.72 -18.66
CA GLN A 348 5.47 8.05 -18.76
C GLN A 348 5.11 8.15 -20.24
N LEU A 349 4.39 7.14 -20.78
CA LEU A 349 4.06 7.06 -22.22
C LEU A 349 3.16 8.18 -22.70
N SER A 350 2.67 9.03 -21.77
CA SER A 350 1.95 10.25 -22.09
C SER A 350 2.94 11.31 -22.65
N LYS A 351 4.27 11.06 -22.48
CA LYS A 351 5.33 11.97 -22.94
C LYS A 351 5.94 11.41 -24.20
N ALA A 352 6.04 12.25 -25.25
CA ALA A 352 6.53 11.85 -26.58
C ALA A 352 7.92 11.22 -26.55
N ASP A 353 8.86 11.80 -25.77
CA ASP A 353 10.22 11.26 -25.64
C ASP A 353 10.20 9.87 -25.01
N ASP A 354 9.34 9.68 -24.00
CA ASP A 354 9.20 8.41 -23.29
C ASP A 354 8.52 7.37 -24.17
N LEU A 355 7.43 7.77 -24.88
CA LEU A 355 6.73 6.89 -25.79
C LEU A 355 7.66 6.40 -26.92
N LYS A 356 8.50 7.31 -27.47
CA LYS A 356 9.45 6.96 -28.52
C LYS A 356 10.45 5.91 -28.02
N TYR A 357 11.03 6.15 -26.82
CA TYR A 357 12.01 5.24 -26.24
C TYR A 357 11.41 3.87 -25.96
N VAL A 358 10.27 3.84 -25.27
CA VAL A 358 9.61 2.60 -24.88
C VAL A 358 9.28 1.71 -26.08
N LEU A 359 8.63 2.28 -27.13
CA LEU A 359 8.27 1.53 -28.34
C LEU A 359 9.50 1.01 -29.07
N ASP A 360 10.63 1.72 -28.95
CA ASP A 360 11.89 1.34 -29.58
C ASP A 360 12.66 0.25 -28.78
N ASN A 361 12.38 0.10 -27.48
CA ASN A 361 13.08 -0.86 -26.61
C ASN A 361 12.09 -1.73 -25.84
N LEU A 362 10.92 -1.98 -26.44
CA LEU A 362 9.81 -2.72 -25.84
C LEU A 362 10.15 -4.12 -25.29
N ALA A 363 11.05 -4.86 -25.97
CA ALA A 363 11.44 -6.23 -25.57
C ALA A 363 12.38 -6.28 -24.34
N GLU A 364 12.75 -5.10 -23.78
CA GLU A 364 13.67 -4.99 -22.64
C GLU A 364 12.97 -4.40 -21.42
N LEU A 365 11.71 -3.96 -21.58
CA LEU A 365 10.99 -3.25 -20.53
C LEU A 365 9.75 -3.94 -20.05
N VAL A 366 9.16 -3.40 -18.95
CA VAL A 366 7.91 -3.85 -18.37
C VAL A 366 6.93 -2.70 -18.54
N VAL A 367 5.83 -2.94 -19.23
CA VAL A 367 4.83 -1.88 -19.47
C VAL A 367 3.57 -2.20 -18.72
N LYS A 368 3.01 -1.20 -18.01
CA LYS A 368 1.81 -1.39 -17.20
C LYS A 368 0.82 -0.30 -17.50
N GLU A 369 -0.48 -0.60 -17.38
CA GLU A 369 -1.49 0.44 -17.51
C GLU A 369 -1.73 1.14 -16.18
N VAL A 370 -2.05 2.43 -16.22
CA VAL A 370 -2.26 3.24 -15.02
C VAL A 370 -3.58 2.86 -14.33
N GLN A 371 -4.75 3.17 -14.98
CA GLN A 371 -6.09 2.86 -14.46
C GLN A 371 -7.13 2.98 -15.58
N GLY A 377 -3.80 -5.03 -17.55
CA GLY A 377 -2.86 -5.25 -18.63
C GLY A 377 -1.41 -4.99 -18.22
N MSE A 378 -0.48 -5.84 -18.69
CA MSE A 378 0.95 -5.75 -18.38
C MSE A 378 1.77 -6.58 -19.36
O MSE A 378 1.46 -7.75 -19.58
CB MSE A 378 1.21 -6.20 -16.92
CG MSE A 378 2.70 -6.45 -16.63
SE MSE A 378 3.07 -6.63 -14.72
CE MSE A 378 4.79 -7.48 -14.81
N LEU A 379 2.84 -5.99 -19.91
CA LEU A 379 3.72 -6.70 -20.84
C LEU A 379 5.11 -6.85 -20.26
N VAL A 380 5.63 -8.09 -20.27
CA VAL A 380 7.00 -8.36 -19.86
C VAL A 380 7.82 -8.58 -21.12
N GLY A 381 8.43 -7.50 -21.60
CA GLY A 381 9.24 -7.47 -22.81
C GLY A 381 10.17 -8.66 -23.02
N PRO A 382 11.03 -9.02 -22.03
CA PRO A 382 11.95 -10.15 -22.23
C PRO A 382 11.25 -11.52 -22.28
N ALA A 383 10.00 -11.60 -21.76
CA ALA A 383 9.21 -12.83 -21.77
C ALA A 383 8.10 -12.77 -22.85
N ALA A 384 8.38 -12.05 -23.96
CA ALA A 384 7.40 -11.88 -25.03
C ALA A 384 7.97 -12.20 -26.40
N SER A 385 7.12 -12.73 -27.29
CA SER A 385 7.48 -13.06 -28.68
C SER A 385 7.24 -11.84 -29.57
N LYS A 386 7.83 -11.85 -30.79
CA LYS A 386 7.69 -10.76 -31.77
C LYS A 386 6.22 -10.38 -32.04
N GLN A 387 5.30 -11.39 -32.03
CA GLN A 387 3.88 -11.14 -32.27
C GLN A 387 3.20 -10.41 -31.12
N GLU A 388 3.27 -10.96 -29.90
CA GLU A 388 2.66 -10.32 -28.73
C GLU A 388 3.27 -8.94 -28.40
N LEU A 389 4.55 -8.72 -28.79
CA LEU A 389 5.23 -7.42 -28.66
C LEU A 389 4.57 -6.40 -29.62
N GLU A 390 4.39 -6.80 -30.92
CA GLU A 390 3.73 -5.97 -31.94
C GLU A 390 2.26 -5.71 -31.60
N ASP A 391 1.59 -6.71 -30.95
CA ASP A 391 0.19 -6.58 -30.53
C ASP A 391 0.08 -5.50 -29.44
N PHE A 392 0.97 -5.55 -28.42
CA PHE A 392 0.99 -4.58 -27.31
C PHE A 392 1.34 -3.17 -27.79
N ARG A 393 2.24 -3.09 -28.80
CA ARG A 393 2.63 -1.86 -29.48
C ARG A 393 1.36 -1.12 -30.00
N GLN A 394 0.42 -1.89 -30.60
CA GLN A 394 -0.85 -1.36 -31.10
C GLN A 394 -1.73 -0.96 -29.93
N ARG A 395 -1.77 -1.79 -28.87
CA ARG A 395 -2.56 -1.53 -27.64
C ARG A 395 -2.09 -0.19 -27.00
N ILE A 396 -0.76 0.00 -26.89
CA ILE A 396 -0.16 1.23 -26.38
C ILE A 396 -0.58 2.43 -27.22
N LEU A 397 -0.39 2.37 -28.55
CA LEU A 397 -0.70 3.50 -29.44
C LEU A 397 -2.18 3.86 -29.52
N ALA A 398 -3.07 2.93 -29.11
CA ALA A 398 -4.50 3.18 -29.04
C ALA A 398 -4.83 4.15 -27.88
N ASN A 399 -3.97 4.15 -26.80
CA ASN A 399 -4.10 5.06 -25.64
C ASN A 399 -2.76 5.16 -24.87
N PRO A 400 -1.73 5.87 -25.43
CA PRO A 400 -0.40 5.89 -24.77
C PRO A 400 -0.36 6.52 -23.36
N ALA A 401 -1.18 7.56 -23.12
CA ALA A 401 -1.23 8.24 -21.82
C ALA A 401 -1.68 7.32 -20.65
N ASN A 402 -2.24 6.14 -20.96
CA ASN A 402 -2.68 5.19 -19.94
CA ASN A 402 -2.69 5.20 -19.95
C ASN A 402 -1.58 4.19 -19.59
N TYR A 403 -0.33 4.43 -20.03
CA TYR A 403 0.76 3.50 -19.75
C TYR A 403 1.99 4.14 -19.13
N ILE A 404 2.74 3.33 -18.40
CA ILE A 404 4.04 3.66 -17.85
C ILE A 404 4.91 2.47 -18.12
N ALA A 405 6.22 2.66 -18.14
CA ALA A 405 7.13 1.54 -18.36
C ALA A 405 8.34 1.65 -17.47
N GLN A 406 8.88 0.51 -17.05
CA GLN A 406 10.06 0.48 -16.19
C GLN A 406 11.02 -0.59 -16.72
N PRO A 407 12.33 -0.49 -16.41
CA PRO A 407 13.23 -1.58 -16.81
C PRO A 407 12.86 -2.87 -16.06
N THR A 408 13.08 -4.04 -16.69
CA THR A 408 12.77 -5.33 -16.04
C THR A 408 13.78 -5.57 -14.93
N LEU A 409 13.29 -5.55 -13.67
CA LEU A 409 14.14 -5.65 -12.49
C LEU A 409 14.36 -7.09 -12.08
N ALA A 410 15.54 -7.39 -11.49
CA ALA A 410 15.85 -8.72 -10.96
C ALA A 410 15.08 -8.95 -9.63
N LEU A 411 13.72 -9.04 -9.74
CA LEU A 411 12.79 -9.21 -8.60
C LEU A 411 13.17 -10.41 -7.74
N SER A 412 13.36 -10.19 -6.42
CA SER A 412 13.77 -11.25 -5.50
C SER A 412 12.73 -12.35 -5.40
N THR A 413 13.21 -13.58 -5.21
CA THR A 413 12.36 -14.76 -5.09
C THR A 413 12.30 -15.24 -3.65
N CYS A 414 11.14 -15.75 -3.25
CA CYS A 414 10.93 -16.28 -1.92
C CYS A 414 10.50 -17.74 -2.06
N PRO A 415 11.09 -18.67 -1.28
CA PRO A 415 10.68 -20.09 -1.40
C PRO A 415 9.19 -20.25 -1.26
N THR A 416 8.59 -20.89 -2.26
CA THR A 416 7.15 -21.04 -2.35
C THR A 416 6.84 -22.47 -2.73
N LEU A 417 5.80 -23.04 -2.11
CA LEU A 417 5.39 -24.40 -2.41
C LEU A 417 4.65 -24.48 -3.75
N VAL A 418 5.29 -25.09 -4.75
CA VAL A 418 4.75 -25.27 -6.11
C VAL A 418 4.57 -26.78 -6.41
N GLU A 419 4.05 -27.13 -7.62
CA GLU A 419 3.81 -28.53 -8.04
C GLU A 419 5.04 -29.44 -7.87
N THR A 420 6.23 -28.98 -8.32
CA THR A 420 7.49 -29.73 -8.24
C THR A 420 8.09 -29.79 -6.81
N GLY A 421 7.66 -28.87 -5.94
CA GLY A 421 8.14 -28.80 -4.56
C GLY A 421 8.28 -27.39 -4.05
N ILE A 422 9.43 -27.10 -3.41
CA ILE A 422 9.74 -25.76 -2.90
C ILE A 422 10.62 -25.04 -3.94
N ALA A 423 10.00 -24.15 -4.75
CA ALA A 423 10.73 -23.43 -5.80
C ALA A 423 10.68 -21.92 -5.60
N PRO A 424 11.72 -21.18 -6.05
CA PRO A 424 11.70 -19.72 -5.89
C PRO A 424 10.59 -19.06 -6.72
N ARG A 425 9.85 -18.11 -6.08
CA ARG A 425 8.79 -17.34 -6.74
C ARG A 425 8.90 -15.85 -6.38
N HIS A 426 8.53 -14.98 -7.32
CA HIS A 426 8.66 -13.53 -7.16
C HIS A 426 7.67 -12.96 -6.14
N VAL A 427 8.17 -12.08 -5.26
CA VAL A 427 7.36 -11.43 -4.21
C VAL A 427 7.53 -9.93 -4.21
N ASP A 428 6.55 -9.22 -3.65
CA ASP A 428 6.68 -7.81 -3.35
C ASP A 428 6.17 -7.54 -1.91
N LEU A 429 6.48 -6.36 -1.36
CA LEU A 429 6.20 -6.05 0.03
C LEU A 429 5.48 -4.71 0.19
N ARG A 430 4.38 -4.69 0.95
CA ARG A 430 3.69 -3.45 1.25
C ARG A 430 3.56 -3.15 2.76
N PRO A 431 4.51 -2.40 3.36
CA PRO A 431 4.31 -1.95 4.74
C PRO A 431 3.39 -0.71 4.76
N PHE A 432 2.89 -0.33 5.94
CA PHE A 432 1.95 0.78 6.08
C PHE A 432 2.50 1.81 7.03
N VAL A 433 2.83 2.99 6.53
CA VAL A 433 3.39 4.03 7.36
C VAL A 433 2.27 4.85 7.99
N LEU A 434 2.32 5.01 9.32
CA LEU A 434 1.29 5.74 10.07
C LEU A 434 1.82 7.05 10.58
N SER A 435 1.16 8.15 10.23
CA SER A 435 1.56 9.49 10.69
C SER A 435 0.44 10.13 11.50
N GLY A 436 0.73 10.43 12.74
CA GLY A 436 -0.17 11.13 13.65
C GLY A 436 0.62 12.26 14.27
N LYS A 437 0.92 12.16 15.57
CA LYS A 437 1.84 13.11 16.16
C LYS A 437 3.26 12.64 15.91
N THR A 438 3.41 11.32 15.66
CA THR A 438 4.67 10.66 15.29
C THR A 438 4.50 9.83 14.03
N VAL A 439 5.60 9.52 13.35
CA VAL A 439 5.58 8.70 12.15
C VAL A 439 6.18 7.32 12.50
N SER A 440 5.39 6.26 12.30
CA SER A 440 5.81 4.92 12.71
C SER A 440 5.28 3.85 11.79
N LEU A 441 5.83 2.64 11.91
CA LEU A 441 5.41 1.46 11.18
C LEU A 441 5.21 0.37 12.19
N VAL A 442 4.11 -0.38 12.07
CA VAL A 442 3.94 -1.60 12.84
C VAL A 442 4.86 -2.63 12.15
N PRO A 443 5.62 -3.48 12.91
CA PRO A 443 6.58 -4.39 12.24
C PRO A 443 5.91 -5.53 11.47
N GLY A 444 5.28 -5.18 10.37
CA GLY A 444 4.62 -6.12 9.48
C GLY A 444 4.36 -5.52 8.13
N ALA A 445 3.96 -6.35 7.18
CA ALA A 445 3.70 -5.92 5.82
C ALA A 445 2.85 -6.94 5.09
N LEU A 446 2.15 -6.50 4.04
CA LEU A 446 1.45 -7.42 3.17
C LEU A 446 2.46 -7.93 2.15
N CYS A 447 2.64 -9.23 2.05
CA CYS A 447 3.52 -9.80 1.05
C CYS A 447 2.71 -10.53 0.01
N ARG A 448 2.91 -10.17 -1.26
CA ARG A 448 2.20 -10.79 -2.39
C ARG A 448 3.16 -11.63 -3.18
N VAL A 449 2.70 -12.79 -3.64
CA VAL A 449 3.57 -13.72 -4.38
C VAL A 449 3.01 -14.07 -5.77
N ALA A 450 3.90 -14.09 -6.79
CA ALA A 450 3.54 -14.48 -8.16
C ALA A 450 3.78 -15.99 -8.27
N LEU A 451 2.71 -16.78 -8.07
CA LEU A 451 2.77 -18.25 -8.00
C LEU A 451 3.21 -18.95 -9.28
N ARG A 452 2.73 -18.48 -10.47
CA ARG A 452 3.07 -19.09 -11.77
C ARG A 452 4.57 -18.95 -12.07
N GLU A 453 5.19 -20.01 -12.63
CA GLU A 453 6.64 -20.02 -12.93
C GLU A 453 7.03 -18.93 -13.94
N GLY A 454 8.03 -18.13 -13.58
CA GLY A 454 8.52 -17.04 -14.42
C GLY A 454 7.72 -15.75 -14.35
N SER A 455 6.50 -15.81 -13.77
CA SER A 455 5.60 -14.65 -13.67
C SER A 455 6.11 -13.57 -12.70
N LEU A 456 5.82 -12.30 -13.03
CA LEU A 456 6.13 -11.15 -12.18
C LEU A 456 4.82 -10.45 -11.80
N VAL A 457 3.69 -11.12 -12.07
CA VAL A 457 2.36 -10.62 -11.74
C VAL A 457 1.94 -11.11 -10.34
N VAL A 458 2.29 -10.32 -9.29
CA VAL A 458 1.95 -10.62 -7.89
C VAL A 458 0.47 -10.34 -7.64
N ASN A 459 -0.18 -9.65 -8.61
CA ASN A 459 -1.58 -9.30 -8.56
C ASN A 459 -2.47 -10.56 -8.59
N SER A 460 -3.42 -10.64 -7.64
CA SER A 460 -4.33 -11.77 -7.44
C SER A 460 -5.18 -12.14 -8.67
N SER A 461 -5.30 -11.22 -9.65
CA SER A 461 -6.07 -11.41 -10.88
C SER A 461 -5.52 -12.54 -11.77
N GLN A 462 -4.16 -12.68 -11.85
CA GLN A 462 -3.52 -13.71 -12.67
C GLN A 462 -2.41 -14.46 -11.91
N GLY A 463 -2.81 -15.46 -11.12
CA GLY A 463 -1.90 -16.33 -10.37
C GLY A 463 -1.18 -15.69 -9.21
N GLY A 464 -1.84 -14.74 -8.55
CA GLY A 464 -1.28 -14.04 -7.41
C GLY A 464 -1.80 -14.52 -6.07
N GLY A 465 -0.90 -14.63 -5.09
CA GLY A 465 -1.24 -15.06 -3.74
C GLY A 465 -0.60 -14.21 -2.66
N THR A 466 -0.81 -14.57 -1.37
CA THR A 466 -0.19 -13.85 -0.26
C THR A 466 0.62 -14.75 0.67
N LYS A 467 1.49 -14.12 1.46
CA LYS A 467 2.35 -14.76 2.44
C LYS A 467 2.30 -13.95 3.70
N ASP A 468 2.69 -14.53 4.83
CA ASP A 468 2.85 -13.81 6.08
C ASP A 468 4.25 -13.20 6.04
N THR A 469 4.41 -11.98 6.57
CA THR A 469 5.74 -11.33 6.63
C THR A 469 6.18 -11.28 8.07
N TRP A 470 7.32 -11.93 8.36
CA TRP A 470 7.88 -11.97 9.70
C TRP A 470 8.99 -10.95 9.86
N ILE A 471 8.86 -10.06 10.85
CA ILE A 471 9.94 -9.14 11.20
C ILE A 471 10.50 -9.62 12.51
N LEU A 472 11.78 -10.01 12.50
CA LEU A 472 12.44 -10.53 13.70
C LEU A 472 12.77 -9.43 14.69
N LYS A 473 12.55 -9.70 15.99
CA LYS A 473 12.78 -8.71 17.07
C LYS A 473 14.25 -8.36 17.29
S SO4 B . -4.57 3.98 -2.70
O1 SO4 B . -3.90 2.77 -2.30
O2 SO4 B . -3.82 5.13 -2.24
O3 SO4 B . -4.67 4.00 -4.14
O4 SO4 B . -5.89 4.02 -2.16
S SO4 C . -16.23 27.46 2.40
O1 SO4 C . -15.68 26.09 2.44
O2 SO4 C . -15.30 28.39 3.05
O3 SO4 C . -16.45 27.86 1.00
O4 SO4 C . -17.53 27.49 3.13
S SO4 D . -10.03 28.70 4.85
O1 SO4 D . -8.66 28.45 5.33
O2 SO4 D . -10.13 30.08 4.35
O3 SO4 D . -10.34 27.78 3.76
O4 SO4 D . -10.98 28.51 5.94
CL CL E . -10.61 1.50 0.19
CL CL F . 18.03 10.29 -7.55
CL CL G . 8.60 11.12 14.12
C1 GOL H . -18.58 -8.14 0.26
O1 GOL H . -17.49 -7.21 0.09
C2 GOL H . -19.92 -7.43 0.00
O2 GOL H . -20.23 -6.67 1.17
C3 GOL H . -21.07 -8.40 -0.36
O3 GOL H . -22.27 -7.68 -0.74
C1 GOL I . -15.45 5.72 -3.87
O1 GOL I . -14.57 5.00 -3.03
C2 GOL I . -15.92 4.81 -5.01
O2 GOL I . -16.23 3.48 -4.50
C3 GOL I . -14.83 4.74 -6.08
O3 GOL I . -14.98 3.56 -6.89
C1 GOL J . 15.12 7.69 -9.85
O1 GOL J . 16.16 6.96 -10.57
C2 GOL J . 14.42 8.74 -10.77
O2 GOL J . 15.07 10.02 -10.56
C3 GOL J . 12.90 8.90 -10.45
O3 GOL J . 12.10 7.78 -10.91
C1 GOL K . 4.90 -13.35 18.37
O1 GOL K . 4.74 -14.78 18.46
C2 GOL K . 3.65 -12.70 17.85
O2 GOL K . 2.48 -13.36 18.37
C3 GOL K . 3.63 -12.79 16.33
O3 GOL K . 2.43 -12.19 15.89
C1 GOL L . 3.94 14.88 11.31
O1 GOL L . 3.61 13.54 11.78
C2 GOL L . 4.65 14.89 9.89
O2 GOL L . 4.08 13.91 9.03
C3 GOL L . 4.54 16.29 9.20
O3 GOL L . 5.49 16.38 8.11
C1 GOL M . 17.78 -16.27 12.63
O1 GOL M . 17.86 -15.18 13.58
C2 GOL M . 16.83 -17.40 13.10
O2 GOL M . 16.46 -17.28 14.51
C3 GOL M . 17.52 -18.75 12.86
O3 GOL M . 17.33 -19.21 11.51
C1 GOL N . 18.25 -0.42 -0.01
O1 GOL N . 18.58 0.05 1.30
C2 GOL N . 18.86 0.52 -1.06
O2 GOL N . 19.52 -0.24 -2.12
C3 GOL N . 17.75 1.40 -1.63
O3 GOL N . 18.08 1.82 -2.94
C1 GOL O . -9.29 26.60 9.90
O1 GOL O . -8.79 26.12 11.16
C2 GOL O . -8.51 25.99 8.71
O2 GOL O . -8.22 24.61 9.01
C3 GOL O . -7.20 26.77 8.47
O3 GOL O . -6.91 26.88 7.06
C1 GOL P . 9.04 2.20 13.03
O1 GOL P . 8.24 2.85 14.00
C2 GOL P . 9.34 0.78 13.51
O2 GOL P . 10.76 0.63 13.79
C3 GOL P . 9.00 -0.18 12.38
O3 GOL P . 8.31 -1.32 12.92
C1 GOL Q . -29.22 3.39 20.36
O1 GOL Q . -29.87 3.37 21.68
C2 GOL Q . -29.75 2.28 19.40
O2 GOL Q . -28.67 1.36 19.11
C3 GOL Q . -30.22 2.91 18.07
O3 GOL Q . -30.61 1.90 17.12
C1 GOL R . -5.16 -6.07 -1.31
O1 GOL R . -4.35 -5.07 -1.99
C2 GOL R . -4.96 -7.54 -1.81
O2 GOL R . -5.99 -7.93 -2.74
C3 GOL R . -3.57 -7.83 -2.42
O3 GOL R . -3.49 -9.22 -2.82
C1 GOL S . -3.07 5.43 -6.30
O1 GOL S . -2.86 5.44 -4.89
C2 GOL S . -1.73 5.73 -6.98
O2 GOL S . -0.75 4.68 -6.70
C3 GOL S . -1.95 5.88 -8.48
O3 GOL S . -0.69 6.23 -9.08
C1 GOL T . 21.97 17.35 0.60
O1 GOL T . 22.74 16.21 1.16
C2 GOL T . 20.79 16.84 -0.22
O2 GOL T . 21.08 15.51 -0.61
C3 GOL T . 20.61 17.64 -1.53
O3 GOL T . 19.91 18.90 -1.31
C1 GOL U . 7.78 25.18 3.54
O1 GOL U . 8.09 23.87 2.97
C2 GOL U . 6.24 25.49 3.56
O2 GOL U . 5.91 26.27 4.74
C3 GOL U . 5.85 26.31 2.31
O3 GOL U . 4.52 26.04 1.87
C1 GOL V . 5.26 -0.68 16.29
O1 GOL V . 5.26 -1.79 17.18
C2 GOL V . 4.16 0.27 16.65
O2 GOL V . 4.03 0.36 18.11
C3 GOL V . 4.51 1.63 16.03
O3 GOL V . 3.67 2.65 16.58
C1 GOL W . -4.37 12.42 21.99
O1 GOL W . -3.98 11.28 21.18
C2 GOL W . -5.71 13.04 21.52
O2 GOL W . -6.70 13.02 22.59
C3 GOL W . -5.51 14.49 21.04
O3 GOL W . -6.78 15.10 20.74
C1 GOL X . -8.38 7.10 -6.42
O1 GOL X . -7.54 6.16 -7.09
C2 GOL X . -9.20 8.00 -7.37
O2 GOL X . -9.06 7.62 -8.75
C3 GOL X . -8.84 9.47 -7.19
O3 GOL X . -9.65 10.31 -8.05
C1 GOL Y . -13.31 15.63 -10.70
O1 GOL Y . -14.10 16.10 -9.57
C2 GOL Y . -11.79 15.65 -10.37
O2 GOL Y . -11.21 16.90 -10.81
C3 GOL Y . -11.09 14.49 -11.10
O3 GOL Y . -10.67 13.50 -10.16
#